data_7BSC
#
_entry.id   7BSC
#
_cell.length_a   41.861
_cell.length_b   80.980
_cell.length_c   264.754
_cell.angle_alpha   90.000
_cell.angle_beta   90.000
_cell.angle_gamma   90.000
#
_symmetry.space_group_name_H-M   'P 21 2 21'
#
loop_
_entity.id
_entity.type
_entity.pdbx_description
1 polymer 'Non-structural protein 1'
2 polymer '1G5.3 Fab Heavy Chain'
3 polymer '1G5.3 Fab Light Chain'
4 water water
#
loop_
_entity_poly.entity_id
_entity_poly.type
_entity_poly.pdbx_seq_one_letter_code
_entity_poly.pdbx_strand_id
1 'polypeptide(L)'
;KEKQDVFCDSKLMSAAIKDNRAVHADMGYWIESALNDTWKIEKASFIEVKSCHWPKSHTLWSNGVLESEMIIPKNFAGPV
SQHNYRPGYHTQTAGPWHLGSLEMDFDFCEGTTVVVTEDCGNRGPSLRTTTASGKLITEWCCRSCTLPPLRYRGEDGCWY
GMEIRPLKEKEENLVNSLVTA
;
A
2 'polypeptide(L)'
;EVKLQESGPGLVRPSQSLSLTCSVTGYSITSGYYWNWIRQFPGNKLEWMGYISYDGRSNYNPSLKNRISITRDTSKNQFF
LKLNFVTTEDTATYYCASFYYYTSRPLVYWGQGTLLTVSSASTKGPSVFPLAPSSKSTSGGTAALGCLVKDYFPEPVTVS
WNSGALTSGVHTFPAVLQSSGLYSLSSVVTVPSSSLGTQTYICNVNHKPSNTKVDKKVEPKSC
;
H
3 'polypeptide(L)'
;EIVLTQSPASLAVSLGQRATISCRASESVEYSGTSLMHWYQQKPGQPPKLLIYAASNVESGVPARFSGSGSGTDFSLNIH
PVEEDDIAMYFCQQSRKVPYTFGGGTKLELKRTVAAPSVFIFPPSDEQLKSGTASVVCLLNNFYPREAKVQWKVDNALQS
GNSQESVTEQDSKDSTYSLSSTLTLSKADYEKHKVYACEVTHQGLSSPVTKSFNRGEC
;
L
#
# COMPACT_ATOMS: atom_id res chain seq x y z
N ASP A 5 46.56 -26.58 6.54
CA ASP A 5 46.49 -25.24 7.14
C ASP A 5 47.63 -24.37 6.63
N VAL A 6 47.30 -23.32 5.88
CA VAL A 6 48.30 -22.36 5.43
C VAL A 6 48.41 -21.25 6.46
N PHE A 7 49.62 -20.72 6.63
CA PHE A 7 49.84 -19.51 7.38
C PHE A 7 49.71 -18.28 6.48
N CYS A 8 49.20 -17.20 7.06
CA CYS A 8 49.04 -15.95 6.34
C CYS A 8 50.40 -15.34 6.00
N ASP A 9 50.48 -14.73 4.81
CA ASP A 9 51.69 -14.05 4.37
C ASP A 9 51.98 -12.85 5.26
N SER A 10 53.16 -12.81 5.87
CA SER A 10 53.47 -11.82 6.88
C SER A 10 54.34 -10.66 6.38
N LYS A 11 54.53 -10.52 5.06
CA LYS A 11 55.42 -9.47 4.58
C LYS A 11 54.86 -8.08 4.82
N LEU A 12 53.56 -7.90 4.58
CA LEU A 12 52.86 -6.65 4.83
C LEU A 12 52.16 -6.63 6.18
N MET A 13 52.27 -7.70 6.97
CA MET A 13 51.59 -7.80 8.24
C MET A 13 52.31 -6.98 9.31
N SER A 14 51.55 -6.51 10.28
CA SER A 14 52.11 -5.74 11.38
C SER A 14 51.23 -5.90 12.61
N ALA A 15 51.82 -5.59 13.76
CA ALA A 15 51.10 -5.55 15.02
C ALA A 15 51.77 -4.51 15.89
N ALA A 16 50.98 -3.79 16.68
CA ALA A 16 51.50 -2.69 17.47
C ALA A 16 50.53 -2.38 18.60
N ILE A 17 51.08 -2.07 19.77
CA ILE A 17 50.30 -1.72 20.95
C ILE A 17 50.91 -0.51 21.62
N LYS A 18 50.06 0.48 21.93
CA LYS A 18 50.45 1.69 22.64
C LYS A 18 49.25 2.11 23.47
N ASP A 19 49.32 3.32 24.05
CA ASP A 19 48.78 3.57 25.39
C ASP A 19 47.42 2.90 25.64
N ASN A 20 46.41 3.20 24.82
CA ASN A 20 45.11 2.56 24.99
C ASN A 20 44.63 1.83 23.75
N ARG A 21 45.54 1.44 22.86
CA ARG A 21 45.13 0.87 21.58
C ARG A 21 46.11 -0.22 21.15
N ALA A 22 45.57 -1.27 20.53
CA ALA A 22 46.38 -2.31 19.92
C ALA A 22 45.78 -2.66 18.57
N VAL A 23 46.65 -2.90 17.58
CA VAL A 23 46.22 -3.10 16.19
C VAL A 23 46.97 -4.28 15.62
N HIS A 24 46.23 -5.27 15.11
CA HIS A 24 46.77 -6.30 14.24
C HIS A 24 46.32 -5.98 12.82
N ALA A 25 47.28 -5.83 11.92
CA ALA A 25 46.99 -5.30 10.59
C ALA A 25 47.63 -6.15 9.51
N ASP A 26 47.09 -6.03 8.31
CA ASP A 26 47.57 -6.72 7.13
C ASP A 26 47.28 -5.81 5.93
N MET A 27 47.41 -6.35 4.73
CA MET A 27 46.95 -5.60 3.56
C MET A 27 45.45 -5.37 3.62
N GLY A 28 44.68 -6.41 3.96
CA GLY A 28 43.23 -6.29 3.92
C GLY A 28 42.56 -6.36 5.27
N TYR A 29 43.33 -6.66 6.32
CA TYR A 29 42.79 -6.75 7.67
C TYR A 29 43.20 -5.54 8.49
N TRP A 30 42.32 -5.18 9.43
CA TRP A 30 42.62 -4.14 10.43
C TRP A 30 41.80 -4.48 11.67
N ILE A 31 42.47 -5.00 12.69
CA ILE A 31 41.81 -5.49 13.90
C ILE A 31 42.30 -4.64 15.07
N GLU A 32 41.38 -3.86 15.64
CA GLU A 32 41.72 -2.84 16.64
C GLU A 32 41.06 -3.18 17.97
N SER A 33 41.87 -3.21 19.03
CA SER A 33 41.40 -3.45 20.38
C SER A 33 41.82 -2.28 21.27
N ALA A 34 41.17 -2.18 22.42
CA ALA A 34 41.39 -1.04 23.31
C ALA A 34 41.21 -1.47 24.75
N LEU A 35 41.60 -0.60 25.67
CA LEU A 35 41.51 -0.85 27.11
C LEU A 35 40.49 0.08 27.73
N ASN A 36 39.37 -0.49 28.22
CA ASN A 36 38.45 0.21 29.13
C ASN A 36 38.06 -0.80 30.21
N ASP A 37 38.84 -0.79 31.29
CA ASP A 37 38.79 -1.63 32.49
C ASP A 37 39.31 -3.01 32.15
N THR A 38 39.59 -3.25 30.87
CA THR A 38 39.82 -4.56 30.25
C THR A 38 40.36 -4.32 28.86
N TRP A 39 41.27 -5.16 28.41
CA TRP A 39 41.59 -5.19 26.98
C TRP A 39 40.56 -6.06 26.26
N LYS A 40 40.03 -5.55 25.15
CA LYS A 40 39.05 -6.28 24.35
C LYS A 40 39.00 -5.67 22.96
N ILE A 41 38.55 -6.48 21.99
CA ILE A 41 38.46 -6.02 20.60
C ILE A 41 37.39 -4.94 20.49
N GLU A 42 37.64 -3.94 19.63
CA GLU A 42 36.62 -2.92 19.46
C GLU A 42 36.14 -2.71 18.03
N LYS A 43 37.02 -2.77 17.04
CA LYS A 43 36.60 -2.62 15.66
C LYS A 43 37.48 -3.49 14.76
N ALA A 44 36.95 -3.85 13.60
CA ALA A 44 37.66 -4.74 12.68
C ALA A 44 37.16 -4.52 11.27
N SER A 45 38.10 -4.27 10.36
CA SER A 45 37.80 -4.02 8.94
C SER A 45 38.39 -5.14 8.10
N PHE A 46 37.61 -5.64 7.15
CA PHE A 46 38.05 -6.70 6.24
C PHE A 46 37.72 -6.29 4.82
N ILE A 47 38.74 -5.90 4.05
CA ILE A 47 38.54 -5.72 2.61
C ILE A 47 38.20 -7.05 1.96
N GLU A 48 39.00 -8.08 2.25
CA GLU A 48 38.75 -9.44 1.81
C GLU A 48 38.99 -10.38 2.98
N VAL A 49 38.10 -11.35 3.14
CA VAL A 49 38.24 -12.35 4.19
C VAL A 49 38.98 -13.55 3.61
N LYS A 50 39.97 -14.04 4.35
CA LYS A 50 40.87 -15.08 3.88
C LYS A 50 40.81 -16.29 4.82
N SER A 51 41.45 -17.38 4.40
CA SER A 51 41.34 -18.66 5.07
C SER A 51 42.63 -19.09 5.76
N CYS A 52 43.69 -18.29 5.67
CA CYS A 52 44.96 -18.64 6.27
C CYS A 52 44.95 -18.41 7.79
N HIS A 53 46.02 -18.84 8.44
CA HIS A 53 46.18 -18.71 9.89
C HIS A 53 47.09 -17.53 10.20
N TRP A 54 46.66 -16.68 11.12
CA TRP A 54 47.48 -15.54 11.53
C TRP A 54 48.70 -16.03 12.29
N PRO A 55 49.91 -15.71 11.87
CA PRO A 55 51.09 -16.23 12.55
C PRO A 55 51.26 -15.60 13.92
N LYS A 56 51.62 -16.43 14.89
CA LYS A 56 51.79 -15.97 16.27
C LYS A 56 53.03 -15.11 16.43
N SER A 57 53.96 -15.14 15.48
CA SER A 57 55.09 -14.22 15.52
C SER A 57 54.64 -12.77 15.52
N HIS A 58 53.54 -12.48 14.83
CA HIS A 58 52.98 -11.14 14.74
C HIS A 58 51.72 -10.98 15.58
N THR A 59 51.65 -11.68 16.71
CA THR A 59 50.44 -11.71 17.54
C THR A 59 50.76 -11.28 18.96
N LEU A 60 50.03 -10.31 19.47
CA LEU A 60 50.14 -9.89 20.86
C LEU A 60 49.26 -10.75 21.74
N TRP A 61 49.73 -11.01 22.96
CA TRP A 61 48.97 -11.70 23.99
C TRP A 61 48.40 -13.03 23.47
N SER A 62 49.31 -13.88 22.99
CA SER A 62 48.94 -15.11 22.30
C SER A 62 49.01 -16.35 23.20
N ASN A 63 49.08 -16.17 24.51
CA ASN A 63 49.21 -17.29 25.43
C ASN A 63 47.87 -17.57 26.11
N GLY A 64 47.59 -18.86 26.31
CA GLY A 64 46.39 -19.26 27.02
C GLY A 64 45.10 -18.85 26.34
N VAL A 65 45.09 -18.83 25.01
CA VAL A 65 43.93 -18.33 24.27
C VAL A 65 43.00 -19.52 23.97
N LEU A 66 41.72 -19.34 24.27
CA LEU A 66 40.69 -20.31 23.94
C LEU A 66 40.17 -20.05 22.52
N GLU A 67 40.19 -21.07 21.67
CA GLU A 67 39.65 -20.93 20.33
C GLU A 67 38.16 -20.61 20.36
N SER A 68 37.44 -21.11 21.37
CA SER A 68 36.01 -20.87 21.52
C SER A 68 35.69 -19.41 21.81
N GLU A 69 36.69 -18.60 22.17
CA GLU A 69 36.46 -17.23 22.60
C GLU A 69 37.03 -16.18 21.66
N MET A 70 37.79 -16.57 20.64
CA MET A 70 38.30 -15.61 19.67
C MET A 70 37.16 -15.14 18.78
N ILE A 71 36.86 -13.83 18.85
CA ILE A 71 35.73 -13.28 18.10
C ILE A 71 35.87 -13.58 16.61
N ILE A 72 37.03 -13.23 16.04
CA ILE A 72 37.33 -13.55 14.65
C ILE A 72 37.90 -14.97 14.62
N PRO A 73 37.23 -15.92 13.97
CA PRO A 73 37.66 -17.32 14.05
C PRO A 73 39.07 -17.53 13.51
N LYS A 74 39.75 -18.51 14.11
CA LYS A 74 41.12 -18.84 13.70
C LYS A 74 41.20 -19.18 12.22
N ASN A 75 40.27 -20.00 11.73
CA ASN A 75 40.28 -20.42 10.33
C ASN A 75 40.05 -19.26 9.36
N PHE A 76 39.69 -18.10 9.86
CA PHE A 76 39.50 -16.90 9.01
C PHE A 76 40.52 -15.80 9.35
N ALA A 77 41.78 -16.21 9.55
CA ALA A 77 42.89 -15.29 9.82
C ALA A 77 42.69 -14.54 11.13
N GLY A 78 41.96 -15.13 12.06
CA GLY A 78 41.79 -14.55 13.37
C GLY A 78 43.04 -14.71 14.21
N PRO A 79 43.56 -13.60 14.72
CA PRO A 79 44.73 -13.66 15.61
C PRO A 79 44.42 -14.47 16.86
N VAL A 80 45.31 -15.41 17.19
CA VAL A 80 45.12 -16.20 18.40
C VAL A 80 45.64 -15.35 19.54
N SER A 81 44.73 -14.59 20.14
CA SER A 81 45.09 -13.47 20.98
C SER A 81 43.96 -13.16 21.95
N GLN A 82 44.32 -12.77 23.16
CA GLN A 82 43.32 -12.26 24.10
C GLN A 82 42.86 -10.86 23.76
N HIS A 83 43.52 -10.20 22.80
CA HIS A 83 43.02 -8.98 22.18
C HIS A 83 41.85 -9.26 21.25
N ASN A 84 41.62 -10.53 20.91
CA ASN A 84 40.54 -10.98 20.04
C ASN A 84 39.34 -11.47 20.85
N TYR A 85 39.14 -10.88 22.02
CA TYR A 85 38.09 -11.31 22.95
C TYR A 85 37.09 -10.18 23.14
N ARG A 86 35.87 -10.56 23.50
CA ARG A 86 34.85 -9.62 23.92
C ARG A 86 33.98 -10.28 24.97
N PRO A 87 33.89 -9.72 26.18
CA PRO A 87 33.06 -10.34 27.22
C PRO A 87 31.63 -10.54 26.75
N GLY A 88 31.08 -11.72 27.02
CA GLY A 88 29.73 -12.05 26.62
C GLY A 88 29.60 -12.63 25.23
N TYR A 89 30.70 -12.79 24.50
CA TYR A 89 30.68 -13.29 23.14
C TYR A 89 31.69 -14.41 22.97
N HIS A 90 31.30 -15.45 22.25
CA HIS A 90 32.16 -16.57 21.87
C HIS A 90 32.51 -16.45 20.39
N THR A 91 33.27 -17.42 19.90
CA THR A 91 33.82 -17.33 18.55
C THR A 91 32.71 -17.24 17.51
N GLN A 92 32.87 -16.32 16.56
CA GLN A 92 31.85 -16.05 15.54
C GLN A 92 32.03 -16.98 14.35
N THR A 93 31.91 -18.27 14.60
CA THR A 93 32.04 -19.30 13.57
C THR A 93 31.09 -19.02 12.40
N ALA A 94 29.86 -18.60 12.69
CA ALA A 94 28.86 -18.45 11.65
C ALA A 94 28.40 -17.00 11.52
N GLY A 95 29.36 -16.07 11.60
CA GLY A 95 29.12 -14.71 11.23
C GLY A 95 28.93 -14.59 9.73
N PRO A 96 28.59 -13.37 9.28
CA PRO A 96 28.38 -13.12 7.84
C PRO A 96 29.70 -12.96 7.07
N TRP A 97 30.60 -13.92 7.23
CA TRP A 97 31.89 -13.87 6.57
C TRP A 97 31.78 -14.01 5.06
N HIS A 98 30.66 -14.55 4.56
CA HIS A 98 30.44 -14.59 3.12
C HIS A 98 30.33 -13.20 2.51
N LEU A 99 30.20 -12.15 3.29
CA LEU A 99 30.09 -10.78 2.74
C LEU A 99 31.37 -10.38 2.01
N GLY A 100 32.51 -11.00 2.32
CA GLY A 100 33.76 -10.65 1.68
C GLY A 100 34.35 -9.37 2.24
N SER A 101 33.61 -8.31 2.06
CA SER A 101 34.02 -7.00 2.57
C SER A 101 33.03 -6.64 3.66
N LEU A 102 33.51 -6.38 4.87
CA LEU A 102 32.64 -6.03 6.00
C LEU A 102 33.37 -5.27 7.10
N GLU A 103 32.61 -4.55 7.90
CA GLU A 103 33.12 -3.86 9.07
C GLU A 103 32.44 -4.42 10.30
N MET A 104 33.22 -4.81 11.31
CA MET A 104 32.68 -5.28 12.57
C MET A 104 33.02 -4.29 13.67
N ASP A 105 32.04 -3.98 14.50
CA ASP A 105 32.20 -3.06 15.62
C ASP A 105 31.14 -3.40 16.67
N PHE A 106 30.99 -2.53 17.65
CA PHE A 106 30.05 -2.75 18.76
C PHE A 106 29.17 -1.51 18.90
N ASP A 107 28.01 -1.57 18.26
CA ASP A 107 27.04 -0.47 18.17
C ASP A 107 25.76 -1.07 17.61
N PHE A 108 24.65 -0.36 17.78
CA PHE A 108 23.38 -0.88 17.30
C PHE A 108 23.25 -0.70 15.80
N CYS A 109 22.70 -1.73 15.15
CA CYS A 109 22.29 -1.60 13.75
C CYS A 109 21.15 -0.61 13.62
N GLU A 110 21.12 0.10 12.50
CA GLU A 110 20.14 1.14 12.21
C GLU A 110 18.72 0.71 12.53
N GLY A 111 18.04 1.47 13.39
CA GLY A 111 16.64 1.27 13.67
C GLY A 111 16.29 0.09 14.54
N THR A 112 17.26 -0.52 15.21
CA THR A 112 17.03 -1.71 16.02
C THR A 112 17.47 -1.48 17.45
N THR A 113 16.89 -2.26 18.36
CA THR A 113 17.31 -2.28 19.76
C THR A 113 17.75 -3.68 20.13
N VAL A 114 18.62 -3.76 21.14
CA VAL A 114 19.13 -5.02 21.67
C VAL A 114 19.05 -4.97 23.18
N VAL A 115 18.42 -5.98 23.78
CA VAL A 115 18.36 -6.07 25.23
C VAL A 115 18.95 -7.40 25.68
N VAL A 116 19.54 -7.38 26.87
CA VAL A 116 20.08 -8.60 27.49
C VAL A 116 18.97 -9.23 28.31
N THR A 117 18.53 -10.41 27.91
CA THR A 117 17.54 -11.15 28.67
C THR A 117 17.69 -12.63 28.36
N GLU A 118 17.54 -13.45 29.39
CA GLU A 118 17.58 -14.89 29.13
C GLU A 118 16.35 -15.39 28.41
N ASP A 119 15.32 -14.55 28.28
CA ASP A 119 14.12 -14.87 27.49
C ASP A 119 14.41 -14.64 26.01
N CYS A 120 15.42 -15.36 25.52
CA CYS A 120 15.94 -15.20 24.18
C CYS A 120 16.32 -16.57 23.65
N GLY A 121 16.35 -16.69 22.32
CA GLY A 121 16.89 -17.89 21.71
C GLY A 121 18.38 -18.03 21.95
N ASN A 122 18.87 -19.25 21.73
CA ASN A 122 20.29 -19.49 21.84
C ASN A 122 21.02 -18.87 20.65
N ARG A 123 22.34 -18.85 20.73
CA ARG A 123 23.12 -18.29 19.63
C ARG A 123 23.06 -19.22 18.42
N GLY A 124 23.14 -18.61 17.24
CA GLY A 124 23.10 -19.33 15.99
C GLY A 124 23.74 -18.51 14.89
N PRO A 125 23.59 -18.94 13.65
CA PRO A 125 24.18 -18.18 12.54
C PRO A 125 23.67 -16.73 12.53
N SER A 126 24.59 -15.81 12.22
CA SER A 126 24.27 -14.39 12.26
C SER A 126 23.13 -14.06 11.30
N LEU A 127 22.31 -13.08 11.69
CA LEU A 127 21.11 -12.71 10.96
C LEU A 127 21.17 -11.25 10.52
N ARG A 128 20.69 -10.99 9.31
CA ARG A 128 20.51 -9.63 8.86
C ARG A 128 19.30 -9.00 9.54
N THR A 129 19.36 -7.68 9.73
CA THR A 129 18.27 -6.98 10.41
C THR A 129 17.05 -6.81 9.53
N THR A 130 17.16 -7.07 8.23
CA THR A 130 16.03 -7.04 7.31
C THR A 130 15.78 -8.43 6.76
N THR A 131 14.51 -8.79 6.65
CA THR A 131 14.13 -10.12 6.16
C THR A 131 14.27 -10.17 4.64
N ALA A 132 13.97 -11.34 4.07
CA ALA A 132 14.04 -11.50 2.62
C ALA A 132 13.02 -10.64 1.88
N SER A 133 11.97 -10.19 2.57
CA SER A 133 11.03 -9.23 2.00
C SER A 133 11.46 -7.79 2.19
N GLY A 134 12.50 -7.55 3.00
CA GLY A 134 12.96 -6.22 3.29
C GLY A 134 12.42 -5.60 4.56
N LYS A 135 11.52 -6.28 5.26
CA LYS A 135 10.97 -5.73 6.50
C LYS A 135 12.04 -5.69 7.58
N LEU A 136 12.05 -4.61 8.35
CA LEU A 136 13.03 -4.41 9.40
C LEU A 136 12.61 -5.12 10.69
N ILE A 137 13.53 -5.86 11.27
CA ILE A 137 13.32 -6.49 12.56
C ILE A 137 13.84 -5.53 13.62
N THR A 138 12.94 -4.99 14.44
CA THR A 138 13.29 -3.90 15.35
C THR A 138 13.91 -4.41 16.64
N GLU A 139 13.26 -5.37 17.29
CA GLU A 139 13.64 -5.76 18.64
C GLU A 139 14.50 -7.02 18.59
N TRP A 140 15.62 -6.99 19.30
CA TRP A 140 16.58 -8.07 19.34
C TRP A 140 16.96 -8.35 20.79
N CYS A 141 17.51 -9.53 21.04
CA CYS A 141 17.84 -9.96 22.39
C CYS A 141 19.16 -10.70 22.41
N CYS A 142 19.72 -10.86 23.61
CA CYS A 142 20.81 -11.81 23.80
C CYS A 142 20.67 -12.42 25.18
N ARG A 143 21.02 -13.71 25.28
CA ARG A 143 20.93 -14.41 26.57
C ARG A 143 21.95 -13.87 27.57
N SER A 144 23.24 -13.83 27.19
CA SER A 144 24.29 -13.50 28.14
C SER A 144 25.32 -12.55 27.53
N CYS A 145 24.95 -11.76 26.54
CA CYS A 145 25.92 -10.92 25.86
C CYS A 145 26.05 -9.58 26.56
N THR A 146 27.03 -8.79 26.11
CA THR A 146 27.21 -7.45 26.63
C THR A 146 26.87 -6.42 25.56
N LEU A 147 26.42 -5.25 26.02
CA LEU A 147 26.11 -4.11 25.18
C LEU A 147 27.25 -3.11 25.19
N PRO A 148 27.48 -2.36 24.09
CA PRO A 148 26.77 -2.39 22.80
C PRO A 148 26.95 -3.71 22.05
N PRO A 149 26.00 -4.05 21.18
CA PRO A 149 25.99 -5.37 20.55
C PRO A 149 27.02 -5.50 19.44
N LEU A 150 27.49 -6.73 19.25
CA LEU A 150 28.36 -7.06 18.13
C LEU A 150 27.61 -6.84 16.82
N ARG A 151 28.16 -5.99 15.96
CA ARG A 151 27.49 -5.58 14.74
C ARG A 151 28.41 -5.77 13.54
N TYR A 152 27.86 -6.31 12.45
CA TYR A 152 28.53 -6.35 11.16
C TYR A 152 27.79 -5.43 10.19
N ARG A 153 28.54 -4.76 9.34
CA ARG A 153 27.97 -3.92 8.29
C ARG A 153 28.60 -4.29 6.97
N GLY A 154 27.77 -4.58 5.97
CA GLY A 154 28.25 -4.95 4.66
C GLY A 154 27.40 -4.40 3.55
N GLU A 155 27.67 -4.84 2.31
CA GLU A 155 27.01 -4.27 1.14
C GLU A 155 25.49 -4.39 1.23
N ASP A 156 24.98 -5.46 1.82
CA ASP A 156 23.54 -5.70 1.88
C ASP A 156 22.93 -5.24 3.21
N GLY A 157 23.70 -4.55 4.05
CA GLY A 157 23.17 -3.89 5.23
C GLY A 157 23.88 -4.37 6.50
N CYS A 158 23.11 -4.50 7.57
CA CYS A 158 23.62 -4.70 8.92
C CYS A 158 23.25 -6.08 9.44
N TRP A 159 24.20 -6.72 10.12
CA TRP A 159 24.02 -8.03 10.71
C TRP A 159 24.47 -8.01 12.16
N TYR A 160 23.96 -8.94 12.94
CA TYR A 160 24.24 -9.00 14.37
C TYR A 160 25.06 -10.24 14.72
N GLY A 161 25.73 -10.17 15.87
CA GLY A 161 26.49 -11.31 16.35
C GLY A 161 25.64 -12.56 16.51
N MET A 162 26.33 -13.70 16.58
CA MET A 162 25.65 -14.98 16.73
C MET A 162 24.74 -15.01 17.95
N GLU A 163 25.14 -14.32 19.02
CA GLU A 163 24.37 -14.35 20.27
C GLU A 163 23.06 -13.58 20.16
N ILE A 164 22.93 -12.68 19.21
CA ILE A 164 21.82 -11.74 19.15
C ILE A 164 20.76 -12.30 18.19
N ARG A 165 19.54 -12.43 18.69
CA ARG A 165 18.42 -13.03 17.99
C ARG A 165 17.23 -12.10 18.03
N PRO A 166 16.26 -12.28 17.13
CA PRO A 166 15.03 -11.47 17.19
C PRO A 166 14.26 -11.78 18.48
N LEU A 167 13.84 -10.71 19.17
CA LEU A 167 13.07 -10.88 20.39
C LEU A 167 11.79 -11.66 20.14
N LYS A 168 11.13 -11.41 19.01
CA LYS A 168 9.85 -12.02 18.65
C LYS A 168 10.03 -13.10 17.58
N GLU A 169 11.15 -13.82 17.63
CA GLU A 169 11.47 -14.79 16.58
C GLU A 169 10.39 -15.86 16.44
N LYS A 170 9.75 -16.26 17.54
CA LYS A 170 8.74 -17.30 17.49
C LYS A 170 7.40 -16.81 16.97
N GLU A 171 7.30 -15.56 16.54
CA GLU A 171 6.03 -14.96 16.15
C GLU A 171 6.01 -14.62 14.67
N GLU A 172 4.83 -14.73 14.08
CA GLU A 172 4.55 -14.35 12.70
C GLU A 172 5.32 -15.18 11.67
N ASN A 173 5.78 -16.37 12.07
CA ASN A 173 6.57 -17.24 11.19
C ASN A 173 7.78 -16.51 10.66
N LEU A 174 8.45 -15.76 11.54
CA LEU A 174 9.60 -14.95 11.16
C LEU A 174 10.70 -15.79 10.51
N VAL A 175 10.92 -17.00 11.03
CA VAL A 175 12.05 -17.82 10.60
C VAL A 175 12.01 -18.11 9.10
N ASN A 176 10.83 -18.12 8.50
CA ASN A 176 10.72 -18.45 7.09
C ASN A 176 11.32 -17.39 6.17
N SER A 177 11.43 -16.13 6.64
CA SER A 177 11.96 -15.06 5.82
C SER A 177 13.28 -14.48 6.33
N LEU A 178 13.86 -15.05 7.37
CA LEU A 178 15.13 -14.56 7.90
C LEU A 178 16.25 -14.75 6.87
N VAL A 179 17.18 -13.79 6.86
CA VAL A 179 18.37 -13.87 6.03
C VAL A 179 19.54 -14.21 6.94
N THR A 180 20.20 -15.32 6.66
CA THR A 180 21.11 -15.95 7.59
C THR A 180 22.47 -16.17 6.92
N ALA A 181 23.48 -16.43 7.74
CA ALA A 181 24.83 -16.67 7.26
C ALA A 181 25.10 -18.17 7.10
N GLU B 1 9.63 0.66 14.57
CA GLU B 1 10.07 0.22 13.26
C GLU B 1 9.87 1.32 12.21
N VAL B 2 9.90 0.93 10.94
CA VAL B 2 9.83 1.89 9.84
C VAL B 2 8.39 2.33 9.66
N LYS B 3 8.16 3.64 9.63
CA LYS B 3 6.86 4.19 9.28
C LYS B 3 7.04 5.30 8.26
N LEU B 4 6.16 5.34 7.27
CA LEU B 4 6.10 6.41 6.28
C LEU B 4 4.81 7.18 6.45
N GLN B 5 4.88 8.49 6.25
CA GLN B 5 3.71 9.35 6.35
C GLN B 5 3.80 10.45 5.30
N GLU B 6 2.79 10.53 4.43
CA GLU B 6 2.72 11.58 3.43
C GLU B 6 2.09 12.84 4.02
N SER B 7 2.42 13.98 3.42
CA SER B 7 1.83 15.25 3.81
C SER B 7 1.90 16.21 2.62
N GLY B 8 1.05 17.22 2.65
CA GLY B 8 0.92 18.15 1.56
C GLY B 8 -0.50 18.68 1.46
N PRO B 9 -0.75 19.53 0.46
CA PRO B 9 -2.11 20.07 0.30
C PRO B 9 -3.03 19.08 -0.37
N GLY B 10 -4.29 19.06 0.07
CA GLY B 10 -5.30 18.23 -0.55
C GLY B 10 -5.91 18.81 -1.80
N LEU B 11 -5.61 20.08 -2.11
CA LEU B 11 -6.22 20.77 -3.24
C LEU B 11 -5.18 21.67 -3.88
N VAL B 12 -5.04 21.55 -5.20
CA VAL B 12 -4.09 22.35 -5.97
C VAL B 12 -4.75 22.73 -7.29
N ARG B 13 -4.48 23.95 -7.75
CA ARG B 13 -5.10 24.46 -8.96
C ARG B 13 -4.42 23.89 -10.21
N PRO B 14 -5.17 23.72 -11.29
CA PRO B 14 -4.57 23.25 -12.55
C PRO B 14 -3.44 24.16 -13.00
N SER B 15 -2.44 23.54 -13.63
CA SER B 15 -1.27 24.18 -14.22
CA SER B 15 -1.27 24.18 -14.22
C SER B 15 -0.35 24.82 -13.19
N GLN B 16 -0.57 24.56 -11.91
CA GLN B 16 0.37 24.95 -10.86
C GLN B 16 1.18 23.74 -10.42
N SER B 17 2.26 24.00 -9.70
CA SER B 17 3.16 22.93 -9.32
C SER B 17 2.65 22.18 -8.09
N LEU B 18 3.25 21.03 -7.83
CA LEU B 18 2.83 20.14 -6.75
C LEU B 18 4.04 19.67 -5.97
N SER B 19 3.97 19.77 -4.64
CA SER B 19 5.06 19.36 -3.77
C SER B 19 4.51 18.48 -2.66
N LEU B 20 5.00 17.24 -2.57
CA LEU B 20 4.56 16.28 -1.57
C LEU B 20 5.75 15.87 -0.70
N THR B 21 5.49 15.66 0.58
CA THR B 21 6.50 15.23 1.54
C THR B 21 6.13 13.86 2.10
N CYS B 22 7.14 12.99 2.21
CA CYS B 22 7.05 11.74 2.97
C CYS B 22 8.03 11.79 4.13
N SER B 23 7.53 11.73 5.34
CA SER B 23 8.35 11.69 6.54
C SER B 23 8.59 10.24 6.90
N VAL B 24 9.86 9.89 7.11
CA VAL B 24 10.25 8.52 7.43
C VAL B 24 10.69 8.51 8.89
N THR B 25 10.19 7.54 9.65
CA THR B 25 10.48 7.41 11.06
C THR B 25 10.98 6.00 11.35
N GLY B 26 12.01 5.90 12.20
CA GLY B 26 12.52 4.63 12.64
C GLY B 26 13.64 4.07 11.80
N TYR B 27 14.09 4.78 10.78
CA TYR B 27 15.17 4.31 9.91
C TYR B 27 15.65 5.49 9.07
N SER B 28 16.97 5.60 8.93
CA SER B 28 17.57 6.66 8.14
C SER B 28 17.46 6.34 6.65
N ILE B 29 17.11 7.36 5.87
CA ILE B 29 16.86 7.20 4.44
C ILE B 29 18.17 7.03 3.69
N THR B 30 19.30 7.06 4.40
CA THR B 30 20.61 7.01 3.78
C THR B 30 21.19 5.61 3.71
N SER B 31 20.41 4.58 4.07
CA SER B 31 20.86 3.21 3.94
C SER B 31 19.69 2.30 3.62
N GLY B 32 20.01 1.13 3.06
CA GLY B 32 19.06 0.04 2.94
C GLY B 32 18.01 0.14 1.87
N TYR B 33 17.11 1.11 1.99
CA TYR B 33 15.88 1.16 1.20
C TYR B 33 15.98 2.16 0.07
N TYR B 34 15.21 1.90 -0.99
CA TYR B 34 14.90 2.88 -2.02
C TYR B 34 13.51 3.43 -1.71
N TRP B 35 13.34 4.73 -1.92
CA TRP B 35 12.16 5.46 -1.46
C TRP B 35 11.35 5.92 -2.67
N ASN B 36 10.14 5.39 -2.80
CA ASN B 36 9.35 5.50 -4.02
C ASN B 36 8.10 6.33 -3.78
N TRP B 37 7.58 6.88 -4.87
CA TRP B 37 6.27 7.53 -4.89
C TRP B 37 5.36 6.76 -5.84
N ILE B 38 4.15 6.46 -5.39
CA ILE B 38 3.16 5.71 -6.16
C ILE B 38 1.80 6.35 -5.95
N ARG B 39 1.06 6.58 -7.04
CA ARG B 39 -0.26 7.16 -6.94
C ARG B 39 -1.31 6.19 -7.45
N GLN B 40 -2.53 6.34 -6.92
CA GLN B 40 -3.66 5.49 -7.27
C GLN B 40 -4.79 6.39 -7.78
N PHE B 41 -5.24 6.13 -8.99
CA PHE B 41 -6.28 6.93 -9.61
C PHE B 41 -7.66 6.52 -9.09
N PRO B 42 -8.67 7.39 -9.24
CA PRO B 42 -10.02 7.04 -8.76
C PRO B 42 -10.51 5.67 -9.20
N GLY B 43 -10.11 5.21 -10.38
CA GLY B 43 -10.52 3.90 -10.87
C GLY B 43 -9.67 2.76 -10.37
N ASN B 44 -8.87 3.03 -9.32
CA ASN B 44 -8.03 2.10 -8.57
C ASN B 44 -6.74 1.72 -9.29
N LYS B 45 -6.48 2.22 -10.49
CA LYS B 45 -5.22 1.91 -11.16
C LYS B 45 -4.04 2.52 -10.42
N LEU B 46 -2.98 1.74 -10.28
CA LEU B 46 -1.76 2.18 -9.62
C LEU B 46 -0.69 2.50 -10.66
N GLU B 47 0.01 3.61 -10.45
CA GLU B 47 1.12 4.01 -11.32
C GLU B 47 2.34 4.32 -10.47
N TRP B 48 3.42 3.59 -10.71
CA TRP B 48 4.70 3.88 -10.07
C TRP B 48 5.31 5.13 -10.71
N MET B 49 5.66 6.11 -9.88
CA MET B 49 6.14 7.40 -10.37
C MET B 49 7.65 7.51 -10.39
N GLY B 50 8.33 7.03 -9.36
CA GLY B 50 9.77 7.09 -9.32
C GLY B 50 10.27 6.79 -7.92
N TYR B 51 11.60 6.76 -7.80
CA TYR B 51 12.23 6.58 -6.50
C TYR B 51 13.49 7.42 -6.41
N ILE B 52 13.98 7.58 -5.18
CA ILE B 52 15.32 8.07 -4.91
C ILE B 52 16.02 7.01 -4.06
N SER B 53 17.28 6.74 -4.39
CA SER B 53 18.02 5.70 -3.68
C SER B 53 18.51 6.21 -2.32
N TYR B 54 19.00 5.29 -1.50
CA TYR B 54 19.59 5.68 -0.23
C TYR B 54 20.88 6.46 -0.42
N ASP B 55 21.47 6.43 -1.61
CA ASP B 55 22.63 7.24 -1.94
C ASP B 55 22.23 8.55 -2.63
N GLY B 56 20.94 8.81 -2.79
CA GLY B 56 20.48 10.07 -3.34
C GLY B 56 20.34 10.12 -4.84
N ARG B 57 20.29 8.99 -5.53
CA ARG B 57 20.08 8.97 -6.97
C ARG B 57 18.62 8.62 -7.25
N SER B 58 17.97 9.41 -8.10
CA SER B 58 16.58 9.24 -8.47
C SER B 58 16.44 8.53 -9.81
N ASN B 59 15.27 7.91 -10.01
CA ASN B 59 14.92 7.25 -11.26
C ASN B 59 13.42 7.41 -11.44
N TYR B 60 12.99 7.81 -12.64
CA TYR B 60 11.63 8.26 -12.87
C TYR B 60 10.94 7.44 -13.95
N ASN B 61 9.62 7.35 -13.83
CA ASN B 61 8.80 6.74 -14.87
C ASN B 61 8.85 7.63 -16.11
N PRO B 62 9.14 7.09 -17.29
CA PRO B 62 9.17 7.91 -18.51
C PRO B 62 7.90 8.71 -18.74
N SER B 63 6.73 8.17 -18.37
CA SER B 63 5.47 8.89 -18.50
C SER B 63 5.48 10.24 -17.78
N LEU B 64 6.43 10.45 -16.87
CA LEU B 64 6.54 11.68 -16.09
C LEU B 64 7.87 12.38 -16.25
N LYS B 65 8.77 11.86 -17.10
CA LYS B 65 10.19 12.20 -17.07
C LYS B 65 10.46 13.70 -16.97
N ASN B 66 9.75 14.51 -17.74
CA ASN B 66 10.09 15.92 -17.86
C ASN B 66 9.39 16.82 -16.86
N ARG B 67 8.47 16.28 -16.06
CA ARG B 67 7.74 17.07 -15.09
C ARG B 67 7.94 16.62 -13.65
N ILE B 68 8.73 15.58 -13.41
CA ILE B 68 8.84 14.99 -12.09
C ILE B 68 10.25 15.21 -11.55
N SER B 69 10.33 15.38 -10.23
CA SER B 69 11.61 15.52 -9.54
C SER B 69 11.44 14.99 -8.12
N ILE B 70 12.29 14.04 -7.74
CA ILE B 70 12.26 13.46 -6.40
C ILE B 70 13.56 13.83 -5.70
N THR B 71 13.43 14.55 -4.59
CA THR B 71 14.57 15.03 -3.80
C THR B 71 14.45 14.48 -2.39
N ARG B 72 15.41 14.86 -1.54
CA ARG B 72 15.46 14.33 -0.19
C ARG B 72 16.10 15.36 0.74
N ASP B 73 15.82 15.21 2.03
CA ASP B 73 16.42 16.01 3.09
C ASP B 73 16.86 15.02 4.17
N THR B 74 18.16 14.72 4.20
CA THR B 74 18.68 13.70 5.12
C THR B 74 18.70 14.19 6.55
N SER B 75 18.77 15.52 6.77
CA SER B 75 18.80 16.02 8.14
C SER B 75 17.43 15.94 8.79
N LYS B 76 16.36 16.00 8.01
CA LYS B 76 15.01 15.80 8.51
C LYS B 76 14.47 14.40 8.23
N ASN B 77 15.25 13.56 7.56
CA ASN B 77 14.84 12.20 7.21
C ASN B 77 13.54 12.19 6.41
N GLN B 78 13.49 13.06 5.40
CA GLN B 78 12.35 13.16 4.52
C GLN B 78 12.81 13.06 3.07
N PHE B 79 11.89 12.67 2.19
CA PHE B 79 12.08 12.83 0.76
C PHE B 79 10.80 13.43 0.17
N PHE B 80 10.91 13.92 -1.06
CA PHE B 80 9.92 14.84 -1.60
C PHE B 80 9.64 14.50 -3.05
N LEU B 81 8.37 14.66 -3.45
CA LEU B 81 7.94 14.52 -4.82
C LEU B 81 7.49 15.88 -5.34
N LYS B 82 7.99 16.26 -6.52
CA LYS B 82 7.61 17.52 -7.14
C LYS B 82 7.09 17.25 -8.54
N LEU B 83 5.92 17.80 -8.86
CA LEU B 83 5.41 17.85 -10.23
C LEU B 83 5.44 19.29 -10.69
N ASN B 84 6.13 19.56 -11.80
CA ASN B 84 6.21 20.93 -12.30
C ASN B 84 4.83 21.47 -12.67
N PHE B 85 3.92 20.62 -13.10
CA PHE B 85 2.54 21.02 -13.35
C PHE B 85 1.63 19.85 -13.05
N VAL B 86 0.34 20.16 -12.85
CA VAL B 86 -0.69 19.14 -12.69
C VAL B 86 -1.93 19.59 -13.45
N THR B 87 -2.68 18.62 -13.97
CA THR B 87 -4.00 18.85 -14.54
C THR B 87 -5.04 18.05 -13.74
N THR B 88 -6.30 18.15 -14.15
CA THR B 88 -7.35 17.40 -13.48
C THR B 88 -7.17 15.89 -13.60
N GLU B 89 -6.33 15.42 -14.53
CA GLU B 89 -6.01 14.01 -14.62
C GLU B 89 -5.11 13.52 -13.50
N ASP B 90 -4.47 14.43 -12.77
CA ASP B 90 -3.55 14.05 -11.70
C ASP B 90 -4.25 13.93 -10.35
N THR B 91 -5.56 14.11 -10.31
CA THR B 91 -6.33 13.82 -9.10
C THR B 91 -6.19 12.34 -8.75
N ALA B 92 -5.63 12.05 -7.58
CA ALA B 92 -5.35 10.68 -7.18
C ALA B 92 -4.92 10.69 -5.72
N THR B 93 -4.77 9.49 -5.16
CA THR B 93 -4.23 9.29 -3.83
C THR B 93 -2.75 8.98 -3.96
N TYR B 94 -1.90 9.78 -3.32
CA TYR B 94 -0.46 9.68 -3.47
C TYR B 94 0.14 9.00 -2.25
N TYR B 95 0.89 7.92 -2.48
CA TYR B 95 1.47 7.12 -1.42
C TYR B 95 2.98 7.24 -1.47
N CYS B 96 3.65 7.23 -0.32
CA CYS B 96 5.07 6.91 -0.34
C CYS B 96 5.31 5.45 0.04
N ALA B 97 6.41 4.89 -0.47
CA ALA B 97 6.69 3.46 -0.30
C ALA B 97 8.19 3.28 -0.30
N SER B 98 8.62 2.09 0.08
CA SER B 98 10.02 1.73 0.12
C SER B 98 10.18 0.25 -0.19
N PHE B 99 11.31 -0.10 -0.78
CA PHE B 99 11.73 -1.48 -0.92
C PHE B 99 13.21 -1.59 -0.56
N TYR B 100 13.58 -2.71 0.06
CA TYR B 100 14.97 -2.96 0.39
C TYR B 100 15.70 -3.39 -0.88
N TYR B 101 16.79 -2.68 -1.20
CA TYR B 101 17.46 -2.90 -2.49
C TYR B 101 17.94 -4.33 -2.66
N TYR B 102 18.51 -4.92 -1.60
CA TYR B 102 19.06 -6.27 -1.71
C TYR B 102 18.04 -7.35 -1.37
N THR B 103 16.91 -7.29 -2.05
CA THR B 103 15.86 -8.31 -1.98
C THR B 103 15.31 -8.49 -3.40
N SER B 104 14.21 -9.24 -3.50
CA SER B 104 13.44 -9.22 -4.75
C SER B 104 12.71 -7.91 -4.95
N ARG B 105 12.88 -6.97 -4.01
CA ARG B 105 12.36 -5.61 -4.04
C ARG B 105 10.84 -5.54 -4.08
N PRO B 106 10.12 -6.16 -3.15
CA PRO B 106 8.70 -5.84 -2.98
C PRO B 106 8.54 -4.58 -2.14
N LEU B 107 7.40 -3.92 -2.35
CA LEU B 107 7.11 -2.70 -1.60
C LEU B 107 6.56 -3.11 -0.23
N VAL B 108 7.47 -3.21 0.74
CA VAL B 108 7.12 -3.73 2.05
C VAL B 108 6.46 -2.65 2.92
N TYR B 109 6.76 -1.38 2.68
CA TYR B 109 6.26 -0.29 3.51
C TYR B 109 5.53 0.73 2.66
N TRP B 110 4.39 1.19 3.17
CA TRP B 110 3.59 2.21 2.52
C TRP B 110 3.15 3.25 3.55
N GLY B 111 2.96 4.48 3.09
CA GLY B 111 2.32 5.49 3.89
C GLY B 111 0.82 5.29 3.93
N GLN B 112 0.16 6.15 4.72
CA GLN B 112 -1.30 6.10 4.75
C GLN B 112 -1.92 6.66 3.48
N GLY B 113 -1.14 7.40 2.70
CA GLY B 113 -1.66 8.03 1.48
C GLY B 113 -2.27 9.38 1.76
N THR B 114 -2.14 10.28 0.80
CA THR B 114 -2.72 11.60 0.89
C THR B 114 -3.54 11.87 -0.37
N LEU B 115 -4.79 12.26 -0.17
CA LEU B 115 -5.66 12.59 -1.31
C LEU B 115 -5.24 13.93 -1.89
N LEU B 116 -5.07 13.97 -3.21
CA LEU B 116 -4.82 15.22 -3.92
C LEU B 116 -5.88 15.40 -4.98
N THR B 117 -6.62 16.50 -4.89
CA THR B 117 -7.60 16.89 -5.89
C THR B 117 -7.07 18.10 -6.66
N VAL B 118 -7.05 18.00 -7.98
CA VAL B 118 -6.65 19.11 -8.83
C VAL B 118 -7.92 19.72 -9.41
N SER B 119 -8.24 20.93 -8.97
CA SER B 119 -9.47 21.59 -9.38
C SER B 119 -9.28 23.09 -9.30
N SER B 120 -10.04 23.81 -10.13
CA SER B 120 -10.09 25.27 -10.06
C SER B 120 -11.37 25.77 -9.39
N ALA B 121 -12.21 24.87 -8.89
CA ALA B 121 -13.45 25.27 -8.25
C ALA B 121 -13.21 25.91 -6.90
N SER B 122 -14.11 26.79 -6.51
CA SER B 122 -14.15 27.36 -5.16
C SER B 122 -15.14 26.59 -4.29
N THR B 123 -15.03 26.77 -2.99
CA THR B 123 -15.94 26.12 -2.06
C THR B 123 -17.36 26.62 -2.30
N LYS B 124 -18.30 25.68 -2.42
CA LYS B 124 -19.67 26.01 -2.79
C LYS B 124 -20.63 25.05 -2.11
N GLY B 125 -21.68 25.59 -1.51
CA GLY B 125 -22.69 24.78 -0.88
C GLY B 125 -23.62 24.13 -1.88
N PRO B 126 -24.19 22.99 -1.52
CA PRO B 126 -25.06 22.26 -2.45
C PRO B 126 -26.50 22.75 -2.44
N SER B 127 -27.19 22.44 -3.53
CA SER B 127 -28.64 22.56 -3.62
C SER B 127 -29.26 21.17 -3.46
N VAL B 128 -30.34 21.10 -2.70
CA VAL B 128 -30.99 19.83 -2.38
C VAL B 128 -32.37 19.83 -3.01
N PHE B 129 -32.59 18.92 -3.96
CA PHE B 129 -33.85 18.79 -4.65
C PHE B 129 -34.52 17.46 -4.30
N PRO B 130 -35.83 17.43 -4.17
CA PRO B 130 -36.52 16.17 -3.84
C PRO B 130 -36.65 15.27 -5.06
N LEU B 131 -36.61 13.96 -4.79
CA LEU B 131 -36.84 12.92 -5.78
C LEU B 131 -38.11 12.19 -5.36
N ALA B 132 -39.21 12.48 -6.05
CA ALA B 132 -40.53 12.00 -5.64
C ALA B 132 -41.06 10.97 -6.63
N PRO B 133 -41.83 9.98 -6.14
CA PRO B 133 -42.41 8.87 -6.92
C PRO B 133 -42.94 9.27 -8.30
N GLY B 140 -48.31 1.82 -6.37
CA GLY B 140 -48.45 1.07 -5.14
C GLY B 140 -47.32 0.11 -4.84
N GLY B 141 -47.45 -0.62 -3.74
CA GLY B 141 -46.34 -1.46 -3.35
C GLY B 141 -45.42 -0.69 -2.44
N THR B 142 -44.11 -0.84 -2.63
CA THR B 142 -43.12 0.02 -1.99
C THR B 142 -42.67 1.10 -2.97
N ALA B 143 -42.60 2.34 -2.49
CA ALA B 143 -42.17 3.47 -3.30
C ALA B 143 -40.77 3.91 -2.88
N ALA B 144 -40.01 4.40 -3.86
CA ALA B 144 -38.71 4.97 -3.61
C ALA B 144 -38.80 6.49 -3.67
N LEU B 145 -38.07 7.14 -2.76
CA LEU B 145 -37.90 8.60 -2.79
C LEU B 145 -36.46 8.91 -2.39
N GLY B 146 -36.06 10.15 -2.62
CA GLY B 146 -34.69 10.50 -2.32
C GLY B 146 -34.45 11.99 -2.43
N CYS B 147 -33.18 12.36 -2.36
CA CYS B 147 -32.75 13.74 -2.42
C CYS B 147 -31.52 13.85 -3.31
N LEU B 148 -31.53 14.86 -4.17
CA LEU B 148 -30.41 15.11 -5.09
C LEU B 148 -29.58 16.25 -4.53
N VAL B 149 -28.34 15.95 -4.16
CA VAL B 149 -27.40 16.91 -3.59
C VAL B 149 -26.44 17.30 -4.71
N LYS B 150 -26.60 18.52 -5.22
CA LYS B 150 -26.03 18.92 -6.50
C LYS B 150 -25.16 20.17 -6.35
N ASP B 151 -24.10 20.22 -7.17
CA ASP B 151 -23.30 21.44 -7.36
C ASP B 151 -22.68 21.94 -6.07
N TYR B 152 -21.85 21.09 -5.46
CA TYR B 152 -21.11 21.47 -4.27
C TYR B 152 -19.64 21.11 -4.44
N PHE B 153 -18.80 21.79 -3.64
CA PHE B 153 -17.37 21.57 -3.64
C PHE B 153 -16.82 22.09 -2.31
N PRO B 154 -15.85 21.41 -1.68
CA PRO B 154 -15.37 20.09 -2.08
C PRO B 154 -16.13 18.96 -1.39
N GLU B 155 -15.67 17.74 -1.57
CA GLU B 155 -16.21 16.60 -0.84
C GLU B 155 -15.82 16.71 0.64
N PRO B 156 -16.57 16.06 1.53
CA PRO B 156 -17.78 15.26 1.32
C PRO B 156 -19.08 15.92 1.77
N VAL B 157 -20.20 15.25 1.48
CA VAL B 157 -21.49 15.57 2.05
C VAL B 157 -21.96 14.39 2.89
N THR B 158 -22.82 14.67 3.85
CA THR B 158 -23.45 13.64 4.66
C THR B 158 -24.95 13.75 4.51
N VAL B 159 -25.61 12.60 4.38
CA VAL B 159 -27.07 12.55 4.26
C VAL B 159 -27.61 11.60 5.31
N SER B 160 -28.72 11.99 5.94
CA SER B 160 -29.49 11.11 6.80
C SER B 160 -30.96 11.28 6.45
N TRP B 161 -31.80 10.44 7.04
CA TRP B 161 -33.23 10.50 6.81
C TRP B 161 -33.96 10.55 8.14
N ASN B 162 -34.91 11.47 8.27
CA ASN B 162 -35.65 11.71 9.51
C ASN B 162 -34.68 11.85 10.69
N SER B 163 -33.60 12.60 10.47
CA SER B 163 -32.59 12.86 11.49
C SER B 163 -31.96 11.58 12.04
N GLY B 164 -31.90 10.53 11.22
CA GLY B 164 -31.27 9.29 11.59
C GLY B 164 -32.21 8.20 12.06
N ALA B 165 -33.50 8.51 12.25
CA ALA B 165 -34.45 7.48 12.68
C ALA B 165 -34.79 6.51 11.56
N LEU B 166 -34.54 6.87 10.31
CA LEU B 166 -34.79 6.01 9.16
C LEU B 166 -33.45 5.61 8.57
N THR B 167 -33.07 4.34 8.74
CA THR B 167 -31.79 3.84 8.24
C THR B 167 -31.98 2.63 7.33
N SER B 168 -33.02 1.84 7.59
CA SER B 168 -33.24 0.63 6.82
C SER B 168 -33.70 0.98 5.41
N GLY B 169 -33.00 0.43 4.41
CA GLY B 169 -33.34 0.71 3.03
C GLY B 169 -32.73 1.96 2.46
N VAL B 170 -31.85 2.64 3.20
CA VAL B 170 -31.21 3.86 2.74
C VAL B 170 -29.98 3.49 1.91
N HIS B 171 -29.87 4.09 0.73
CA HIS B 171 -28.69 3.95 -0.12
C HIS B 171 -28.22 5.35 -0.48
N THR B 172 -27.05 5.74 0.02
CA THR B 172 -26.43 7.00 -0.37
C THR B 172 -25.28 6.69 -1.32
N PHE B 173 -25.35 7.22 -2.51
CA PHE B 173 -24.40 6.83 -3.52
C PHE B 173 -23.13 7.67 -3.45
N PRO B 174 -22.01 7.11 -3.93
CA PRO B 174 -20.79 7.93 -4.07
C PRO B 174 -21.05 9.14 -4.95
N ALA B 175 -20.33 10.23 -4.66
CA ALA B 175 -20.49 11.44 -5.45
C ALA B 175 -19.85 11.27 -6.83
N VAL B 176 -20.43 11.94 -7.81
CA VAL B 176 -19.91 11.95 -9.18
C VAL B 176 -19.43 13.37 -9.49
N LEU B 177 -18.34 13.46 -10.24
CA LEU B 177 -17.77 14.75 -10.63
C LEU B 177 -18.34 15.16 -11.97
N GLN B 178 -19.06 16.29 -11.99
CA GLN B 178 -19.69 16.80 -13.18
C GLN B 178 -18.70 17.61 -14.02
N SER B 179 -19.08 17.86 -15.28
CA SER B 179 -18.25 18.66 -16.16
C SER B 179 -18.04 20.08 -15.62
N SER B 180 -18.93 20.55 -14.75
CA SER B 180 -18.81 21.87 -14.14
C SER B 180 -17.68 21.93 -13.11
N GLY B 181 -17.06 20.81 -12.75
CA GLY B 181 -16.12 20.78 -11.65
C GLY B 181 -16.76 20.64 -10.29
N LEU B 182 -18.09 20.64 -10.18
CA LEU B 182 -18.78 20.50 -8.92
C LEU B 182 -19.33 19.08 -8.78
N TYR B 183 -19.45 18.63 -7.55
CA TYR B 183 -19.91 17.27 -7.30
C TYR B 183 -21.43 17.22 -7.18
N SER B 184 -21.99 16.06 -7.49
CA SER B 184 -23.40 15.78 -7.27
C SER B 184 -23.55 14.33 -6.85
N LEU B 185 -24.49 14.06 -5.95
CA LEU B 185 -24.82 12.68 -5.59
C LEU B 185 -26.29 12.60 -5.22
N SER B 186 -26.77 11.35 -5.08
CA SER B 186 -28.13 11.08 -4.66
C SER B 186 -28.12 10.11 -3.49
N SER B 187 -29.09 10.29 -2.61
CA SER B 187 -29.36 9.34 -1.54
C SER B 187 -30.83 8.97 -1.63
N VAL B 188 -31.14 7.68 -1.52
CA VAL B 188 -32.48 7.19 -1.76
C VAL B 188 -32.85 6.25 -0.62
N VAL B 189 -34.16 6.09 -0.43
CA VAL B 189 -34.67 5.17 0.56
C VAL B 189 -35.99 4.63 0.06
N THR B 190 -36.20 3.35 0.30
CA THR B 190 -37.40 2.66 -0.10
C THR B 190 -38.35 2.55 1.09
N VAL B 191 -39.65 2.56 0.81
CA VAL B 191 -40.63 2.91 1.84
C VAL B 191 -42.00 2.34 1.47
N PRO B 192 -42.85 2.00 2.44
CA PRO B 192 -44.22 1.58 2.10
C PRO B 192 -45.00 2.71 1.47
N SER B 193 -45.59 2.44 0.30
CA SER B 193 -46.39 3.44 -0.39
C SER B 193 -47.57 3.88 0.46
N SER B 194 -48.14 2.97 1.26
CA SER B 194 -49.26 3.32 2.13
C SER B 194 -48.93 4.47 3.07
N SER B 195 -47.66 4.64 3.43
CA SER B 195 -47.25 5.71 4.33
C SER B 195 -46.95 7.03 3.63
N LEU B 196 -47.15 7.12 2.31
CA LEU B 196 -46.83 8.35 1.59
C LEU B 196 -47.70 9.53 2.03
N GLY B 197 -48.87 9.26 2.60
CA GLY B 197 -49.75 10.28 3.12
C GLY B 197 -49.51 10.54 4.58
N THR B 198 -49.30 9.47 5.34
CA THR B 198 -49.31 9.53 6.80
C THR B 198 -47.96 9.86 7.41
N GLN B 199 -46.86 9.46 6.77
CA GLN B 199 -45.54 9.65 7.34
C GLN B 199 -44.80 10.78 6.64
N THR B 200 -44.10 11.60 7.43
CA THR B 200 -43.22 12.62 6.89
C THR B 200 -41.85 12.02 6.57
N TYR B 201 -41.34 12.31 5.37
CA TYR B 201 -40.04 11.83 4.93
C TYR B 201 -39.17 13.02 4.56
N ILE B 202 -38.10 13.22 5.32
CA ILE B 202 -37.26 14.40 5.23
C ILE B 202 -35.81 13.96 5.14
N CYS B 203 -35.07 14.53 4.19
CA CYS B 203 -33.64 14.28 4.08
C CYS B 203 -32.85 15.41 4.74
N ASN B 204 -31.79 15.05 5.45
CA ASN B 204 -30.91 15.99 6.14
C ASN B 204 -29.55 15.94 5.47
N VAL B 205 -29.13 17.07 4.91
CA VAL B 205 -27.87 17.17 4.18
C VAL B 205 -26.95 18.13 4.91
N ASN B 206 -25.74 17.69 5.18
CA ASN B 206 -24.71 18.49 5.83
C ASN B 206 -23.52 18.64 4.89
N HIS B 207 -23.08 19.88 4.69
CA HIS B 207 -21.85 20.17 3.96
C HIS B 207 -21.09 21.21 4.77
N LYS B 208 -20.11 20.73 5.54
CA LYS B 208 -19.39 21.51 6.53
C LYS B 208 -18.48 22.59 5.93
N PRO B 209 -17.79 22.34 4.81
CA PRO B 209 -16.99 23.43 4.22
C PRO B 209 -17.80 24.66 3.87
N SER B 210 -19.11 24.51 3.64
CA SER B 210 -19.98 25.63 3.34
C SER B 210 -20.97 25.92 4.46
N ASN B 211 -20.86 25.21 5.58
CA ASN B 211 -21.76 25.38 6.73
C ASN B 211 -23.21 25.13 6.36
N THR B 212 -23.45 24.22 5.42
CA THR B 212 -24.79 23.95 4.93
C THR B 212 -25.44 22.87 5.79
N LYS B 213 -26.56 23.22 6.41
CA LYS B 213 -27.43 22.27 7.12
C LYS B 213 -28.84 22.45 6.58
N VAL B 214 -29.31 21.52 5.76
CA VAL B 214 -30.59 21.68 5.07
C VAL B 214 -31.46 20.45 5.34
N ASP B 215 -32.72 20.70 5.69
CA ASP B 215 -33.75 19.68 5.73
C ASP B 215 -34.66 19.86 4.53
N LYS B 216 -34.93 18.77 3.81
CA LYS B 216 -35.81 18.80 2.65
C LYS B 216 -36.85 17.70 2.79
N LYS B 217 -38.12 18.10 2.89
CA LYS B 217 -39.21 17.14 2.92
C LYS B 217 -39.51 16.65 1.51
N VAL B 218 -39.68 15.35 1.36
CA VAL B 218 -39.86 14.71 0.07
C VAL B 218 -41.29 14.18 0.01
N GLU B 219 -42.17 14.95 -0.64
CA GLU B 219 -43.57 14.59 -0.80
C GLU B 219 -43.86 14.28 -2.27
N PRO B 220 -44.75 13.33 -2.54
CA PRO B 220 -45.21 13.13 -3.91
C PRO B 220 -46.16 14.25 -4.33
N LYS B 221 -46.14 14.57 -5.62
CA LYS B 221 -46.96 15.65 -6.14
C LYS B 221 -47.81 15.19 -7.33
N GLU C 1 8.08 -0.82 -21.07
CA GLU C 1 7.25 -1.07 -19.89
C GLU C 1 6.68 -2.49 -19.91
N ILE C 2 6.87 -3.22 -18.81
CA ILE C 2 6.29 -4.54 -18.66
C ILE C 2 4.82 -4.38 -18.28
N VAL C 3 3.93 -4.89 -19.13
CA VAL C 3 2.50 -4.74 -18.92
C VAL C 3 1.97 -5.98 -18.21
N LEU C 4 1.31 -5.77 -17.07
CA LEU C 4 0.70 -6.85 -16.31
C LEU C 4 -0.80 -6.88 -16.56
N THR C 5 -1.32 -8.03 -16.95
CA THR C 5 -2.74 -8.23 -17.18
C THR C 5 -3.30 -9.14 -16.10
N GLN C 6 -4.21 -8.63 -15.30
CA GLN C 6 -4.84 -9.39 -14.23
C GLN C 6 -6.19 -9.93 -14.70
N SER C 7 -6.53 -11.14 -14.23
CA SER C 7 -7.77 -11.76 -14.62
C SER C 7 -8.28 -12.64 -13.48
N PRO C 8 -9.60 -12.59 -13.18
CA PRO C 8 -10.52 -11.65 -13.83
C PRO C 8 -10.48 -10.27 -13.15
N ALA C 9 -11.19 -9.29 -13.71
CA ALA C 9 -11.26 -7.99 -13.06
C ALA C 9 -12.09 -8.04 -11.78
N SER C 10 -13.08 -8.94 -11.73
CA SER C 10 -13.92 -9.14 -10.56
C SER C 10 -14.21 -10.62 -10.43
N LEU C 11 -14.10 -11.14 -9.20
CA LEU C 11 -14.29 -12.56 -8.94
C LEU C 11 -15.27 -12.71 -7.79
N ALA C 12 -16.39 -13.37 -8.05
CA ALA C 12 -17.37 -13.66 -7.01
C ALA C 12 -16.98 -14.98 -6.34
N VAL C 13 -17.11 -15.00 -5.02
CA VAL C 13 -16.51 -16.07 -4.22
C VAL C 13 -17.41 -16.34 -3.03
N SER C 14 -17.50 -17.62 -2.65
CA SER C 14 -18.21 -18.02 -1.44
C SER C 14 -17.21 -18.22 -0.31
N LEU C 15 -17.66 -17.91 0.90
CA LEU C 15 -16.84 -18.17 2.08
C LEU C 15 -16.60 -19.66 2.21
N GLY C 16 -15.34 -20.02 2.49
CA GLY C 16 -14.94 -21.41 2.54
C GLY C 16 -14.42 -21.98 1.23
N GLN C 17 -14.71 -21.35 0.10
CA GLN C 17 -14.27 -21.90 -1.18
C GLN C 17 -12.87 -21.43 -1.53
N ARG C 18 -12.36 -21.94 -2.65
CA ARG C 18 -11.03 -21.58 -3.16
C ARG C 18 -11.16 -20.49 -4.21
N ALA C 19 -10.32 -19.46 -4.09
CA ALA C 19 -10.27 -18.37 -5.05
C ALA C 19 -8.87 -18.31 -5.66
N THR C 20 -8.82 -18.10 -6.98
CA THR C 20 -7.56 -18.03 -7.69
C THR C 20 -7.59 -16.81 -8.61
N ILE C 21 -6.60 -15.93 -8.45
CA ILE C 21 -6.43 -14.74 -9.28
C ILE C 21 -5.19 -14.94 -10.14
N SER C 22 -5.26 -14.49 -11.40
CA SER C 22 -4.14 -14.64 -12.32
C SER C 22 -3.59 -13.28 -12.71
N CYS C 23 -2.27 -13.24 -12.92
CA CYS C 23 -1.58 -12.07 -13.45
C CYS C 23 -0.58 -12.54 -14.49
N ARG C 24 -0.64 -11.97 -15.69
CA ARG C 24 0.20 -12.37 -16.81
C ARG C 24 1.04 -11.19 -17.29
N ALA C 25 2.36 -11.40 -17.37
CA ALA C 25 3.28 -10.36 -17.78
C ALA C 25 3.56 -10.43 -19.27
N SER C 26 3.82 -9.27 -19.87
CA SER C 26 4.07 -9.21 -21.31
C SER C 26 5.43 -9.78 -21.68
N GLU C 27 6.38 -9.78 -20.75
CA GLU C 27 7.68 -10.40 -20.97
C GLU C 27 8.10 -11.09 -19.69
N SER C 28 9.15 -11.91 -19.78
CA SER C 28 9.59 -12.67 -18.62
C SER C 28 10.00 -11.73 -17.50
N VAL C 29 9.69 -12.13 -16.26
CA VAL C 29 10.05 -11.39 -15.07
C VAL C 29 11.16 -12.06 -14.28
N GLU C 30 11.66 -13.20 -14.74
CA GLU C 30 12.64 -13.95 -13.97
C GLU C 30 14.00 -13.25 -13.99
N TYR C 31 14.78 -13.48 -12.95
CA TYR C 31 16.11 -12.90 -12.85
C TYR C 31 16.95 -13.81 -11.95
N SER C 32 17.89 -14.52 -12.54
CA SER C 32 18.80 -15.40 -11.80
C SER C 32 18.03 -16.42 -10.95
N GLY C 33 17.00 -17.01 -11.54
CA GLY C 33 16.22 -18.03 -10.86
C GLY C 33 15.16 -17.52 -9.90
N THR C 34 15.00 -16.21 -9.75
CA THR C 34 13.96 -15.63 -8.92
C THR C 34 12.94 -14.90 -9.79
N SER C 35 11.67 -15.17 -9.53
CA SER C 35 10.57 -14.50 -10.24
C SER C 35 10.24 -13.20 -9.52
N LEU C 36 10.49 -12.08 -10.17
CA LEU C 36 10.34 -10.76 -9.54
C LEU C 36 8.89 -10.28 -9.71
N MET C 37 8.00 -10.97 -9.00
CA MET C 37 6.58 -10.67 -9.03
C MET C 37 6.02 -10.78 -7.62
N HIS C 38 5.14 -9.84 -7.25
CA HIS C 38 4.62 -9.73 -5.90
C HIS C 38 3.12 -9.52 -5.93
N TRP C 39 2.48 -9.86 -4.82
CA TRP C 39 1.02 -9.78 -4.68
C TRP C 39 0.66 -8.94 -3.47
N TYR C 40 -0.31 -8.04 -3.65
CA TYR C 40 -0.73 -7.14 -2.59
C TYR C 40 -2.23 -7.22 -2.39
N GLN C 41 -2.65 -7.00 -1.13
CA GLN C 41 -4.06 -6.83 -0.78
C GLN C 41 -4.31 -5.38 -0.40
N GLN C 42 -5.46 -4.85 -0.80
CA GLN C 42 -5.85 -3.49 -0.46
C GLN C 42 -7.31 -3.46 -0.01
N LYS C 43 -7.53 -2.93 1.19
CA LYS C 43 -8.84 -2.64 1.74
C LYS C 43 -9.19 -1.17 1.52
N PRO C 44 -10.48 -0.81 1.53
CA PRO C 44 -10.84 0.59 1.28
C PRO C 44 -10.25 1.52 2.33
N GLY C 45 -9.76 2.67 1.86
CA GLY C 45 -9.14 3.64 2.74
C GLY C 45 -7.79 3.25 3.28
N GLN C 46 -7.16 2.21 2.74
CA GLN C 46 -5.88 1.72 3.22
C GLN C 46 -4.91 1.59 2.06
N PRO C 47 -3.60 1.66 2.33
CA PRO C 47 -2.61 1.38 1.28
C PRO C 47 -2.57 -0.11 0.99
N PRO C 48 -2.03 -0.51 -0.17
CA PRO C 48 -1.84 -1.94 -0.44
C PRO C 48 -0.91 -2.55 0.60
N LYS C 49 -1.12 -3.83 0.86
CA LYS C 49 -0.31 -4.56 1.83
C LYS C 49 0.27 -5.81 1.18
N LEU C 50 1.56 -6.03 1.41
CA LEU C 50 2.29 -7.11 0.75
C LEU C 50 1.82 -8.47 1.27
N LEU C 51 1.33 -9.30 0.35
CA LEU C 51 0.92 -10.67 0.64
C LEU C 51 1.99 -11.69 0.27
N ILE C 52 2.52 -11.63 -0.94
CA ILE C 52 3.49 -12.60 -1.45
C ILE C 52 4.61 -11.84 -2.14
N TYR C 53 5.85 -12.21 -1.84
CA TYR C 53 7.02 -11.66 -2.50
C TYR C 53 7.77 -12.75 -3.23
N ALA C 54 8.39 -12.37 -4.35
CA ALA C 54 9.05 -13.30 -5.28
C ALA C 54 8.14 -14.44 -5.71
N ALA C 55 6.83 -14.21 -5.65
CA ALA C 55 5.74 -14.93 -6.31
C ALA C 55 5.43 -16.29 -5.71
N SER C 56 6.19 -16.77 -4.72
CA SER C 56 5.72 -17.90 -3.92
C SER C 56 6.00 -17.76 -2.43
N ASN C 57 6.55 -16.64 -1.96
CA ASN C 57 6.97 -16.49 -0.58
C ASN C 57 5.91 -15.73 0.20
N VAL C 58 5.31 -16.38 1.19
CA VAL C 58 4.32 -15.73 2.04
C VAL C 58 5.02 -14.82 3.03
N GLU C 59 4.66 -13.53 3.01
CA GLU C 59 5.25 -12.58 3.92
C GLU C 59 4.97 -12.96 5.38
N SER C 60 5.94 -12.70 6.25
CA SER C 60 5.75 -12.93 7.69
C SER C 60 4.52 -12.19 8.19
N GLY C 61 3.67 -12.90 8.92
CA GLY C 61 2.45 -12.33 9.45
C GLY C 61 1.23 -12.48 8.56
N VAL C 62 1.40 -13.03 7.36
CA VAL C 62 0.29 -13.21 6.42
C VAL C 62 -0.30 -14.59 6.66
N PRO C 63 -1.63 -14.73 6.71
CA PRO C 63 -2.24 -16.03 7.03
C PRO C 63 -1.86 -17.10 6.02
N ALA C 64 -1.86 -18.36 6.48
CA ALA C 64 -1.43 -19.48 5.68
C ALA C 64 -2.40 -19.83 4.56
N ARG C 65 -3.60 -19.25 4.55
CA ARG C 65 -4.55 -19.52 3.47
C ARG C 65 -4.14 -18.85 2.17
N PHE C 66 -3.18 -17.92 2.21
CA PHE C 66 -2.66 -17.29 1.00
C PHE C 66 -1.47 -18.07 0.49
N SER C 67 -1.38 -18.19 -0.84
CA SER C 67 -0.23 -18.83 -1.47
C SER C 67 -0.06 -18.25 -2.86
N GLY C 68 1.15 -18.43 -3.40
CA GLY C 68 1.46 -17.95 -4.74
C GLY C 68 2.20 -19.01 -5.52
N SER C 69 2.02 -18.97 -6.83
CA SER C 69 2.71 -19.91 -7.71
C SER C 69 2.91 -19.25 -9.07
N GLY C 70 3.66 -19.94 -9.92
CA GLY C 70 3.93 -19.50 -11.28
C GLY C 70 5.39 -19.20 -11.48
N SER C 71 5.71 -18.85 -12.72
CA SER C 71 7.06 -18.47 -13.13
C SER C 71 6.95 -17.84 -14.51
N GLY C 72 8.08 -17.34 -15.01
CA GLY C 72 8.09 -16.77 -16.34
C GLY C 72 7.14 -15.61 -16.49
N THR C 73 6.06 -15.81 -17.24
CA THR C 73 5.08 -14.77 -17.54
C THR C 73 3.74 -14.99 -16.87
N ASP C 74 3.50 -16.14 -16.25
CA ASP C 74 2.20 -16.51 -15.71
C ASP C 74 2.32 -16.80 -14.22
N PHE C 75 1.44 -16.17 -13.43
CA PHE C 75 1.48 -16.27 -11.98
C PHE C 75 0.06 -16.33 -11.43
N SER C 76 -0.06 -16.92 -10.24
CA SER C 76 -1.36 -17.12 -9.62
C SER C 76 -1.28 -16.82 -8.13
N LEU C 77 -2.29 -16.11 -7.63
CA LEU C 77 -2.54 -15.99 -6.20
C LEU C 77 -3.67 -16.95 -5.82
N ASN C 78 -3.52 -17.60 -4.68
CA ASN C 78 -4.47 -18.62 -4.24
C ASN C 78 -4.89 -18.34 -2.81
N ILE C 79 -6.21 -18.31 -2.59
CA ILE C 79 -6.78 -18.12 -1.25
C ILE C 79 -7.71 -19.28 -0.97
N HIS C 80 -7.42 -20.05 0.07
CA HIS C 80 -8.27 -21.15 0.48
C HIS C 80 -7.99 -21.50 1.93
N PRO C 81 -9.01 -21.55 2.81
CA PRO C 81 -10.39 -21.18 2.49
C PRO C 81 -10.63 -19.67 2.57
N VAL C 82 -11.46 -19.14 1.66
CA VAL C 82 -11.74 -17.72 1.66
C VAL C 82 -12.56 -17.35 2.89
N GLU C 83 -12.19 -16.26 3.55
CA GLU C 83 -12.89 -15.76 4.72
C GLU C 83 -13.40 -14.35 4.43
N GLU C 84 -14.22 -13.85 5.35
CA GLU C 84 -14.83 -12.53 5.16
C GLU C 84 -13.79 -11.43 5.05
N ASP C 85 -12.68 -11.55 5.78
CA ASP C 85 -11.62 -10.54 5.74
C ASP C 85 -10.92 -10.47 4.40
N ASP C 86 -11.10 -11.46 3.53
CA ASP C 86 -10.43 -11.51 2.25
C ASP C 86 -11.21 -10.80 1.14
N ILE C 87 -12.40 -10.30 1.42
CA ILE C 87 -13.16 -9.53 0.43
C ILE C 87 -12.47 -8.18 0.29
N ALA C 88 -11.78 -7.97 -0.83
CA ALA C 88 -10.85 -6.86 -0.97
C ALA C 88 -10.35 -6.81 -2.41
N MET C 89 -9.53 -5.81 -2.71
CA MET C 89 -8.86 -5.70 -3.99
C MET C 89 -7.49 -6.35 -3.91
N TYR C 90 -7.05 -6.93 -5.03
CA TYR C 90 -5.76 -7.61 -5.10
C TYR C 90 -5.00 -7.15 -6.34
N PHE C 91 -3.71 -6.89 -6.15
CA PHE C 91 -2.85 -6.37 -7.21
C PHE C 91 -1.60 -7.22 -7.34
N CYS C 92 -1.13 -7.36 -8.58
CA CYS C 92 0.19 -7.91 -8.83
C CYS C 92 1.14 -6.78 -9.21
N GLN C 93 2.43 -7.02 -9.01
CA GLN C 93 3.43 -6.02 -9.33
C GLN C 93 4.73 -6.70 -9.73
N GLN C 94 5.37 -6.17 -10.76
CA GLN C 94 6.67 -6.65 -11.22
C GLN C 94 7.77 -5.70 -10.79
N SER C 95 8.92 -6.26 -10.39
CA SER C 95 10.10 -5.47 -10.08
C SER C 95 11.29 -5.91 -10.94
N ARG C 96 11.03 -6.60 -12.05
CA ARG C 96 12.11 -7.05 -12.92
C ARG C 96 12.73 -5.89 -13.69
N LYS C 97 11.92 -4.93 -14.12
CA LYS C 97 12.41 -3.80 -14.90
C LYS C 97 11.73 -2.53 -14.44
N VAL C 98 12.48 -1.43 -14.48
CA VAL C 98 11.96 -0.08 -14.27
C VAL C 98 11.52 0.46 -15.63
N PRO C 99 10.36 1.12 -15.73
CA PRO C 99 9.45 1.48 -14.63
C PRO C 99 8.68 0.31 -14.05
N TYR C 100 8.58 0.26 -12.73
CA TYR C 100 7.76 -0.75 -12.07
C TYR C 100 6.30 -0.54 -12.44
N THR C 101 5.56 -1.65 -12.56
CA THR C 101 4.18 -1.60 -13.02
C THR C 101 3.33 -2.53 -12.19
N PHE C 102 2.04 -2.22 -12.13
CA PHE C 102 1.06 -3.00 -11.39
C PHE C 102 0.03 -3.57 -12.35
N GLY C 103 -0.58 -4.68 -11.95
CA GLY C 103 -1.75 -5.17 -12.65
C GLY C 103 -2.94 -4.26 -12.44
N GLY C 104 -3.96 -4.44 -13.28
CA GLY C 104 -5.14 -3.61 -13.19
C GLY C 104 -5.98 -3.82 -11.95
N GLY C 105 -5.72 -4.87 -11.19
CA GLY C 105 -6.46 -5.11 -9.97
C GLY C 105 -7.56 -6.14 -10.17
N THR C 106 -7.85 -6.87 -9.10
CA THR C 106 -8.93 -7.86 -9.11
C THR C 106 -9.77 -7.67 -7.85
N LYS C 107 -11.07 -7.50 -8.05
CA LYS C 107 -12.00 -7.29 -6.94
C LYS C 107 -12.56 -8.63 -6.49
N LEU C 108 -12.24 -9.03 -5.26
CA LEU C 108 -12.81 -10.25 -4.68
C LEU C 108 -14.11 -9.88 -3.99
N GLU C 109 -15.23 -10.31 -4.58
CA GLU C 109 -16.56 -9.98 -4.11
C GLU C 109 -17.24 -11.23 -3.58
N LEU C 110 -18.18 -11.04 -2.64
CA LEU C 110 -18.91 -12.17 -2.08
C LEU C 110 -20.01 -12.60 -3.05
N LYS C 111 -20.08 -13.91 -3.28
CA LYS C 111 -21.07 -14.45 -4.20
C LYS C 111 -22.44 -14.56 -3.53
N ARG C 112 -23.48 -14.41 -4.35
CA ARG C 112 -24.85 -14.65 -3.90
C ARG C 112 -25.68 -15.01 -5.12
N THR C 113 -26.95 -15.32 -4.88
CA THR C 113 -27.84 -15.69 -5.98
C THR C 113 -28.21 -14.45 -6.80
N VAL C 114 -28.63 -14.71 -8.05
CA VAL C 114 -29.04 -13.63 -8.94
C VAL C 114 -30.25 -12.92 -8.36
N ALA C 115 -30.23 -11.59 -8.39
CA ALA C 115 -31.34 -10.78 -7.92
C ALA C 115 -31.61 -9.68 -8.92
N ALA C 116 -32.82 -9.63 -9.47
CA ALA C 116 -33.19 -8.57 -10.39
C ALA C 116 -33.35 -7.25 -9.63
N PRO C 117 -33.06 -6.12 -10.27
CA PRO C 117 -33.25 -4.83 -9.61
C PRO C 117 -34.70 -4.37 -9.66
N SER C 118 -35.06 -3.57 -8.66
CA SER C 118 -36.28 -2.78 -8.70
C SER C 118 -35.95 -1.40 -9.25
N VAL C 119 -36.68 -0.98 -10.28
CA VAL C 119 -36.34 0.21 -11.05
C VAL C 119 -37.36 1.31 -10.74
N PHE C 120 -36.85 2.52 -10.48
CA PHE C 120 -37.67 3.68 -10.22
C PHE C 120 -37.11 4.85 -11.01
N ILE C 121 -38.01 5.70 -11.52
CA ILE C 121 -37.63 6.89 -12.28
C ILE C 121 -38.16 8.12 -11.54
N PHE C 122 -37.37 9.17 -11.53
CA PHE C 122 -37.71 10.41 -10.82
C PHE C 122 -37.61 11.57 -11.79
N PRO C 123 -38.67 12.32 -12.04
CA PRO C 123 -38.56 13.53 -12.85
C PRO C 123 -37.85 14.62 -12.07
N PRO C 124 -37.36 15.65 -12.75
CA PRO C 124 -36.77 16.78 -12.03
C PRO C 124 -37.83 17.50 -11.20
N SER C 125 -37.40 18.02 -10.06
CA SER C 125 -38.31 18.74 -9.20
C SER C 125 -38.64 20.11 -9.81
N ASP C 126 -39.77 20.65 -9.40
CA ASP C 126 -40.10 22.01 -9.84
C ASP C 126 -39.08 23.01 -9.32
N GLU C 127 -38.46 22.73 -8.18
CA GLU C 127 -37.46 23.66 -7.64
C GLU C 127 -36.25 23.74 -8.56
N GLN C 128 -35.70 22.59 -8.96
CA GLN C 128 -34.54 22.57 -9.85
C GLN C 128 -34.83 23.25 -11.19
N LEU C 129 -36.03 23.03 -11.75
CA LEU C 129 -36.36 23.64 -13.04
C LEU C 129 -36.43 25.15 -12.92
N LYS C 130 -36.89 25.66 -11.78
CA LYS C 130 -36.81 27.08 -11.51
C LYS C 130 -35.35 27.55 -11.50
N SER C 131 -34.44 26.73 -10.96
CA SER C 131 -33.03 27.10 -10.94
C SER C 131 -32.43 27.15 -12.33
N GLY C 132 -32.91 26.30 -13.26
CA GLY C 132 -32.55 26.42 -14.66
C GLY C 132 -31.92 25.19 -15.28
N THR C 133 -31.74 24.10 -14.54
CA THR C 133 -31.25 22.83 -15.05
C THR C 133 -32.29 21.75 -14.79
N ALA C 134 -32.13 20.60 -15.45
CA ALA C 134 -33.04 19.48 -15.29
C ALA C 134 -32.24 18.20 -15.08
N SER C 135 -32.56 17.47 -14.01
CA SER C 135 -31.93 16.19 -13.72
C SER C 135 -33.02 15.13 -13.62
N VAL C 136 -32.91 14.09 -14.44
CA VAL C 136 -33.76 12.91 -14.34
C VAL C 136 -32.92 11.80 -13.73
N VAL C 137 -33.46 11.11 -12.74
CA VAL C 137 -32.74 10.06 -12.02
C VAL C 137 -33.47 8.74 -12.19
N CYS C 138 -32.70 7.68 -12.44
CA CYS C 138 -33.20 6.31 -12.50
C CYS C 138 -32.45 5.48 -11.45
N LEU C 139 -33.20 4.77 -10.62
CA LEU C 139 -32.64 4.04 -9.49
C LEU C 139 -32.81 2.54 -9.70
N LEU C 140 -31.72 1.80 -9.59
CA LEU C 140 -31.71 0.35 -9.68
C LEU C 140 -31.33 -0.18 -8.30
N ASN C 141 -32.31 -0.77 -7.61
CA ASN C 141 -32.17 -1.11 -6.20
C ASN C 141 -31.95 -2.62 -6.01
N ASN C 142 -30.95 -2.97 -5.22
CA ASN C 142 -30.79 -4.32 -4.66
C ASN C 142 -30.73 -5.40 -5.75
N PHE C 143 -29.73 -5.30 -6.60
CA PHE C 143 -29.52 -6.27 -7.67
C PHE C 143 -28.17 -6.94 -7.54
N TYR C 144 -28.05 -8.10 -8.20
CA TYR C 144 -26.82 -8.88 -8.28
C TYR C 144 -26.95 -9.79 -9.49
N PRO C 145 -25.90 -9.95 -10.30
CA PRO C 145 -24.54 -9.41 -10.14
C PRO C 145 -24.39 -7.93 -10.48
N ARG C 146 -23.14 -7.48 -10.52
CA ARG C 146 -22.85 -6.06 -10.69
C ARG C 146 -23.26 -5.57 -12.07
N GLU C 147 -23.08 -6.39 -13.10
CA GLU C 147 -23.29 -5.94 -14.48
C GLU C 147 -24.74 -5.52 -14.69
N ALA C 148 -24.92 -4.32 -15.24
CA ALA C 148 -26.23 -3.78 -15.53
C ALA C 148 -26.08 -2.64 -16.54
N LYS C 149 -27.06 -2.51 -17.43
CA LYS C 149 -27.03 -1.49 -18.47
C LYS C 149 -28.23 -0.56 -18.32
N VAL C 150 -27.96 0.74 -18.30
CA VAL C 150 -28.99 1.76 -18.23
C VAL C 150 -28.91 2.58 -19.51
N GLN C 151 -30.02 2.65 -20.25
CA GLN C 151 -30.11 3.42 -21.48
C GLN C 151 -31.23 4.45 -21.33
N TRP C 152 -30.88 5.72 -21.47
CA TRP C 152 -31.86 6.79 -21.38
C TRP C 152 -32.47 7.03 -22.75
N LYS C 153 -33.78 7.30 -22.75
CA LYS C 153 -34.53 7.57 -23.98
C LYS C 153 -35.36 8.83 -23.78
N VAL C 154 -35.24 9.76 -24.71
CA VAL C 154 -35.99 11.02 -24.69
C VAL C 154 -36.81 11.06 -25.96
N ASP C 155 -38.13 10.98 -25.83
CA ASP C 155 -39.03 10.83 -26.96
C ASP C 155 -38.54 9.74 -27.91
N ASN C 156 -38.13 8.61 -27.31
CA ASN C 156 -37.61 7.42 -27.98
C ASN C 156 -36.27 7.64 -28.66
N ALA C 157 -35.61 8.77 -28.41
CA ALA C 157 -34.27 9.03 -28.92
C ALA C 157 -33.23 8.59 -27.89
N LEU C 158 -32.34 7.69 -28.30
CA LEU C 158 -31.32 7.18 -27.38
C LEU C 158 -30.32 8.27 -27.03
N GLN C 159 -30.02 8.40 -25.75
CA GLN C 159 -29.12 9.44 -25.27
C GLN C 159 -27.69 8.92 -25.17
N SER C 160 -26.73 9.81 -25.37
CA SER C 160 -25.32 9.49 -25.27
C SER C 160 -24.56 10.63 -24.62
N GLY C 161 -23.65 10.29 -23.70
CA GLY C 161 -22.71 11.24 -23.15
C GLY C 161 -23.26 12.20 -22.11
N ASN C 162 -24.56 12.22 -21.87
CA ASN C 162 -25.17 13.15 -20.93
C ASN C 162 -25.69 12.44 -19.68
N SER C 163 -25.14 11.29 -19.34
CA SER C 163 -25.55 10.55 -18.15
C SER C 163 -24.33 10.15 -17.34
N GLN C 164 -24.54 10.00 -16.03
CA GLN C 164 -23.49 9.62 -15.10
C GLN C 164 -24.02 8.58 -14.12
N GLU C 165 -23.21 7.56 -13.84
CA GLU C 165 -23.62 6.46 -12.97
C GLU C 165 -22.83 6.49 -11.67
N SER C 166 -23.45 5.93 -10.62
CA SER C 166 -22.78 5.71 -9.36
C SER C 166 -23.35 4.45 -8.73
N VAL C 167 -22.48 3.60 -8.18
CA VAL C 167 -22.87 2.34 -7.59
C VAL C 167 -22.42 2.31 -6.13
N THR C 168 -23.28 1.78 -5.26
CA THR C 168 -22.89 1.53 -3.88
C THR C 168 -21.96 0.33 -3.80
N GLU C 169 -21.34 0.16 -2.64
CA GLU C 169 -20.57 -1.04 -2.40
C GLU C 169 -21.51 -2.19 -2.04
N GLN C 170 -20.96 -3.41 -2.02
CA GLN C 170 -21.76 -4.57 -1.69
C GLN C 170 -22.38 -4.44 -0.31
N ASP C 171 -23.69 -4.62 -0.24
CA ASP C 171 -24.39 -4.45 1.03
C ASP C 171 -23.96 -5.53 2.02
N SER C 172 -23.83 -5.12 3.29
CA SER C 172 -23.26 -6.00 4.30
C SER C 172 -24.18 -7.16 4.67
N LYS C 173 -25.48 -7.05 4.40
CA LYS C 173 -26.43 -8.08 4.82
C LYS C 173 -26.91 -8.96 3.67
N ASP C 174 -27.26 -8.37 2.54
CA ASP C 174 -27.79 -9.13 1.42
C ASP C 174 -26.84 -9.18 0.22
N SER C 175 -25.69 -8.53 0.30
CA SER C 175 -24.64 -8.62 -0.72
C SER C 175 -25.07 -8.08 -2.08
N THR C 176 -26.15 -7.30 -2.14
CA THR C 176 -26.60 -6.76 -3.41
C THR C 176 -26.00 -5.39 -3.68
N TYR C 177 -26.21 -4.90 -4.90
CA TYR C 177 -25.78 -3.58 -5.32
C TYR C 177 -26.98 -2.69 -5.59
N SER C 178 -26.75 -1.38 -5.51
CA SER C 178 -27.71 -0.39 -5.96
C SER C 178 -26.98 0.64 -6.80
N LEU C 179 -27.70 1.21 -7.77
CA LEU C 179 -27.08 2.03 -8.81
C LEU C 179 -27.92 3.26 -9.05
N SER C 180 -27.24 4.39 -9.23
CA SER C 180 -27.87 5.65 -9.60
C SER C 180 -27.37 6.08 -10.97
N SER C 181 -28.29 6.52 -11.81
CA SER C 181 -27.95 7.14 -13.10
C SER C 181 -28.68 8.46 -13.20
N THR C 182 -27.95 9.52 -13.50
CA THR C 182 -28.51 10.86 -13.61
C THR C 182 -28.36 11.35 -15.05
N LEU C 183 -29.48 11.79 -15.64
CA LEU C 183 -29.48 12.38 -16.97
C LEU C 183 -29.59 13.89 -16.82
N THR C 184 -28.60 14.61 -17.34
CA THR C 184 -28.52 16.06 -17.19
C THR C 184 -28.96 16.72 -18.49
N LEU C 185 -29.95 17.61 -18.39
CA LEU C 185 -30.40 18.40 -19.53
C LEU C 185 -30.58 19.84 -19.08
N SER C 186 -30.55 20.74 -20.06
CA SER C 186 -30.95 22.12 -19.79
C SER C 186 -32.46 22.18 -19.57
N LYS C 187 -32.89 23.23 -18.86
CA LYS C 187 -34.32 23.41 -18.63
C LYS C 187 -35.09 23.52 -19.94
N ALA C 188 -34.53 24.25 -20.91
CA ALA C 188 -35.20 24.43 -22.20
C ALA C 188 -35.32 23.10 -22.94
N ASP C 189 -34.22 22.36 -23.04
CA ASP C 189 -34.27 21.06 -23.70
C ASP C 189 -35.26 20.12 -23.02
N TYR C 190 -35.30 20.16 -21.69
CA TYR C 190 -36.26 19.33 -20.96
C TYR C 190 -37.70 19.69 -21.31
N GLU C 191 -38.00 20.99 -21.38
CA GLU C 191 -39.36 21.44 -21.61
C GLU C 191 -39.80 21.29 -23.06
N LYS C 192 -38.89 20.95 -23.97
CA LYS C 192 -39.24 20.74 -25.37
C LYS C 192 -39.56 19.29 -25.71
N HIS C 193 -39.45 18.38 -24.76
CA HIS C 193 -39.76 16.97 -24.99
C HIS C 193 -40.75 16.47 -23.96
N LYS C 194 -41.35 15.32 -24.25
CA LYS C 194 -42.46 14.80 -23.45
C LYS C 194 -42.13 13.53 -22.69
N VAL C 195 -41.63 12.50 -23.38
CA VAL C 195 -41.49 11.16 -22.80
C VAL C 195 -40.05 10.95 -22.39
N TYR C 196 -39.85 10.69 -21.11
CA TYR C 196 -38.54 10.36 -20.55
C TYR C 196 -38.57 8.96 -19.99
N ALA C 197 -37.65 8.11 -20.44
CA ALA C 197 -37.72 6.68 -20.16
C ALA C 197 -36.34 6.16 -19.79
N CYS C 198 -36.33 5.20 -18.87
CA CYS C 198 -35.10 4.55 -18.41
C CYS C 198 -35.24 3.05 -18.65
N GLU C 199 -34.37 2.51 -19.50
CA GLU C 199 -34.39 1.08 -19.84
C GLU C 199 -33.23 0.40 -19.13
N VAL C 200 -33.55 -0.65 -18.37
CA VAL C 200 -32.59 -1.33 -17.52
C VAL C 200 -32.41 -2.75 -18.04
N THR C 201 -31.15 -3.15 -18.19
CA THR C 201 -30.79 -4.50 -18.63
C THR C 201 -30.03 -5.18 -17.51
N HIS C 202 -30.47 -6.39 -17.17
CA HIS C 202 -29.81 -7.13 -16.10
C HIS C 202 -30.10 -8.62 -16.27
N GLN C 203 -29.10 -9.43 -15.94
CA GLN C 203 -29.23 -10.88 -16.02
C GLN C 203 -30.44 -11.41 -15.26
N GLY C 204 -30.83 -10.74 -14.18
CA GLY C 204 -31.93 -11.22 -13.36
C GLY C 204 -33.30 -10.99 -13.93
N LEU C 205 -33.40 -10.18 -14.99
CA LEU C 205 -34.66 -9.92 -15.67
C LEU C 205 -34.72 -10.76 -16.94
N SER C 206 -35.84 -11.45 -17.13
CA SER C 206 -36.05 -12.21 -18.36
C SER C 206 -36.23 -11.31 -19.57
N SER C 207 -36.44 -10.01 -19.35
CA SER C 207 -36.56 -9.03 -20.42
C SER C 207 -36.26 -7.67 -19.83
N PRO C 208 -35.67 -6.75 -20.60
CA PRO C 208 -35.33 -5.43 -20.05
C PRO C 208 -36.58 -4.69 -19.59
N VAL C 209 -36.43 -3.92 -18.52
CA VAL C 209 -37.54 -3.21 -17.88
C VAL C 209 -37.38 -1.72 -18.16
N THR C 210 -38.45 -1.09 -18.62
CA THR C 210 -38.47 0.34 -18.87
C THR C 210 -39.39 1.01 -17.86
N LYS C 211 -38.93 2.13 -17.30
CA LYS C 211 -39.75 3.00 -16.45
C LYS C 211 -39.72 4.39 -17.06
N SER C 212 -40.90 4.99 -17.23
CA SER C 212 -41.01 6.24 -17.95
C SER C 212 -42.05 7.14 -17.31
N PHE C 213 -42.01 8.41 -17.70
CA PHE C 213 -43.03 9.38 -17.31
C PHE C 213 -43.20 10.39 -18.43
N ASN C 214 -44.34 11.05 -18.43
CA ASN C 214 -44.61 12.16 -19.35
C ASN C 214 -44.49 13.46 -18.59
N ARG C 215 -43.70 14.40 -19.13
CA ARG C 215 -43.44 15.67 -18.48
C ARG C 215 -44.73 16.47 -18.24
#